data_4FLL
#
_entry.id   4FLL
#
_cell.length_a   47.764
_cell.length_b   77.108
_cell.length_c   48.617
_cell.angle_alpha   90.000
_cell.angle_beta   90.230
_cell.angle_gamma   90.000
#
_symmetry.space_group_name_H-M   'P 1 21 1'
#
loop_
_entity.id
_entity.type
_entity.pdbx_description
1 polymer 'Methionine aminopeptidase 1'
2 non-polymer 'MANGANESE (II) ION'
3 non-polymer (E,2R,3R,4S,5R)-N-[(3R)-3-(furan-2-yl)-3-phenyl-propyl]-2-methoxy-8,8-dimethyl-3,4,5-tris(oxidanyl)non-6-enamide
4 non-polymer 'SODIUM ION'
5 water water
#
_entity_poly.entity_id   1
_entity_poly.type   'polypeptide(L)'
_entity_poly.pdbx_seq_one_letter_code
;MYRYTGKLRPHYPLMPTRPVPSYIQRPDYADHPLGMSESEQALKGTSQIKLLSSEDIEGMRLVCRLAREVLDVAAGMIKP
GVTTEEIDHAVHLACIARNCYPSPLNYYNFPKSCCTSVNEVICHGIPDRRPLQEGDIVNVDITLYRNGYHGDLNETFFVG
EVDDGARKLVQTTYECLMQAIDAVKPGVRYRELGNIIQKHAQANGFSVVRSYCGHGIHKLFHTAPNVPHYAKNKAVGVMK
SGHVFTIEPMICEGGWQDETWPDGWTAVTRDGKRSAQFEHTLLVTDTGCEILTRRLDSARPHFMSQFEFELVDKLAAALE
HHHHHH
;
_entity_poly.pdbx_strand_id   A
#
# COMPACT_ATOMS: atom_id res chain seq x y z
N TYR A 2 16.24 0.10 22.12
CA TYR A 2 16.07 0.46 20.69
C TYR A 2 16.50 1.89 20.41
N ARG A 3 17.38 2.08 19.43
CA ARG A 3 17.75 3.42 19.07
C ARG A 3 16.86 3.82 17.84
N TYR A 4 16.00 4.77 18.06
CA TYR A 4 15.19 5.28 16.93
C TYR A 4 16.07 5.94 15.87
N THR A 5 15.68 5.83 14.61
CA THR A 5 16.53 6.38 13.56
C THR A 5 16.22 7.81 13.22
N GLY A 6 15.09 8.38 13.65
CA GLY A 6 14.77 9.76 13.51
C GLY A 6 13.97 10.31 14.68
N LYS A 7 13.11 11.29 14.40
CA LYS A 7 12.38 11.97 15.46
C LYS A 7 11.07 11.26 15.83
N LEU A 8 10.58 10.43 14.92
CA LEU A 8 9.25 9.78 15.22
C LEU A 8 9.44 8.75 16.34
N ARG A 9 8.35 8.66 17.18
CA ARG A 9 8.24 7.66 18.17
C ARG A 9 6.81 7.09 18.11
N PRO A 10 6.66 5.82 18.52
CA PRO A 10 5.25 5.34 18.70
C PRO A 10 4.58 6.11 19.86
N HIS A 11 3.27 6.25 19.75
CA HIS A 11 2.50 7.00 20.77
C HIS A 11 1.42 6.07 21.29
N TYR A 12 1.77 5.44 22.42
CA TYR A 12 0.93 4.46 23.07
C TYR A 12 0.15 5.03 24.22
N PRO A 13 -0.91 4.33 24.67
CA PRO A 13 -1.44 2.98 24.30
C PRO A 13 -2.21 3.06 22.98
N LEU A 14 -2.29 1.90 22.34
CA LEU A 14 -3.25 1.77 21.23
C LEU A 14 -4.61 1.42 21.81
N MET A 15 -5.65 1.89 21.13
CA MET A 15 -7.04 1.44 21.37
C MET A 15 -7.12 -0.01 21.22
N PRO A 16 -7.98 -0.62 22.05
CA PRO A 16 -8.35 -2.03 21.91
C PRO A 16 -8.72 -2.31 20.42
N THR A 17 -8.41 -3.53 19.98
CA THR A 17 -8.75 -4.02 18.62
C THR A 17 -10.23 -3.73 18.32
N ARG A 18 -10.47 -3.22 17.13
CA ARG A 18 -11.86 -2.86 16.82
C ARG A 18 -12.59 -4.06 16.21
N PRO A 19 -13.80 -4.39 16.73
CA PRO A 19 -14.52 -5.52 16.11
C PRO A 19 -15.15 -5.14 14.70
N VAL A 20 -15.28 -6.16 13.85
CA VAL A 20 -16.02 -6.01 12.60
C VAL A 20 -17.30 -6.88 12.80
N PRO A 21 -18.44 -6.26 12.53
CA PRO A 21 -19.70 -7.04 12.83
C PRO A 21 -19.68 -8.29 12.06
N SER A 22 -20.38 -9.30 12.64
CA SER A 22 -20.27 -10.61 12.06
C SER A 22 -21.03 -10.81 10.71
N TYR A 23 -21.86 -9.87 10.30
CA TYR A 23 -22.43 -9.92 8.98
C TYR A 23 -21.51 -9.65 7.80
N ILE A 24 -20.33 -9.08 8.15
CA ILE A 24 -19.33 -8.87 7.12
C ILE A 24 -18.45 -10.09 6.87
N GLN A 25 -18.31 -10.50 5.64
CA GLN A 25 -17.60 -11.68 5.27
C GLN A 25 -16.11 -11.48 5.62
N ARG A 26 -15.52 -12.52 6.21
CA ARG A 26 -14.15 -12.36 6.76
C ARG A 26 -13.22 -13.21 5.99
N PRO A 27 -11.97 -12.76 5.79
CA PRO A 27 -11.00 -13.58 5.19
C PRO A 27 -10.45 -14.67 6.16
N ASP A 28 -9.75 -15.68 5.61
CA ASP A 28 -9.41 -16.86 6.50
C ASP A 28 -8.55 -16.46 7.69
N TYR A 29 -7.61 -15.55 7.48
CA TYR A 29 -6.75 -15.20 8.58
C TYR A 29 -7.42 -14.39 9.74
N ALA A 30 -8.57 -13.81 9.51
CA ALA A 30 -9.18 -12.99 10.49
C ALA A 30 -9.53 -13.68 11.76
N ASP A 31 -9.64 -15.02 11.66
CA ASP A 31 -10.00 -15.76 12.88
C ASP A 31 -8.94 -16.78 13.22
N HIS A 32 -7.79 -16.67 12.57
CA HIS A 32 -6.61 -17.48 13.00
C HIS A 32 -5.91 -16.75 14.14
N PRO A 33 -5.52 -17.47 15.22
CA PRO A 33 -4.97 -16.78 16.36
C PRO A 33 -3.66 -16.01 16.12
N LEU A 34 -2.88 -16.44 15.14
CA LEU A 34 -1.60 -15.79 14.81
C LEU A 34 -1.86 -14.98 13.49
N GLY A 35 -3.12 -14.97 13.04
CA GLY A 35 -3.38 -14.21 11.80
C GLY A 35 -2.77 -14.78 10.57
N MET A 36 -2.44 -16.07 10.64
CA MET A 36 -1.94 -16.69 9.43
C MET A 36 -3.02 -17.02 8.40
N SER A 37 -2.67 -16.95 7.11
CA SER A 37 -3.68 -17.22 6.08
C SER A 37 -3.33 -18.62 5.50
N GLU A 38 -4.18 -19.56 5.75
CA GLU A 38 -3.88 -20.96 5.31
C GLU A 38 -3.93 -21.07 3.77
N SER A 39 -4.81 -20.29 3.12
CA SER A 39 -4.88 -20.26 1.64
C SER A 39 -3.57 -19.67 1.07
N GLU A 40 -2.99 -18.62 1.67
CA GLU A 40 -1.68 -18.16 1.20
C GLU A 40 -0.54 -19.14 1.49
N GLN A 41 -0.56 -19.74 2.68
CA GLN A 41 0.53 -20.61 3.08
C GLN A 41 0.58 -21.84 2.15
N ALA A 42 -0.61 -22.28 1.72
CA ALA A 42 -0.74 -23.44 0.82
C ALA A 42 -0.09 -23.14 -0.50
N LEU A 43 0.05 -21.84 -0.84
CA LEU A 43 0.71 -21.44 -2.11
C LEU A 43 2.10 -20.86 -1.92
N LYS A 44 2.72 -21.00 -0.74
CA LYS A 44 3.96 -20.22 -0.48
C LYS A 44 5.03 -20.36 -1.57
N GLY A 45 5.33 -21.58 -1.96
CA GLY A 45 6.47 -21.83 -2.81
C GLY A 45 6.14 -22.02 -4.28
N THR A 46 5.17 -21.24 -4.78
CA THR A 46 4.79 -21.25 -6.23
C THR A 46 4.98 -19.91 -6.89
N SER A 47 5.41 -19.97 -8.13
CA SER A 47 5.66 -18.78 -8.91
C SER A 47 4.54 -18.68 -9.93
N GLN A 48 3.66 -19.67 -9.94
CA GLN A 48 2.50 -19.69 -10.85
C GLN A 48 1.47 -18.50 -10.61
N ILE A 49 1.04 -17.81 -11.66
CA ILE A 49 0.13 -16.63 -11.53
C ILE A 49 -1.26 -16.93 -12.05
N LYS A 50 -2.29 -16.60 -11.28
CA LYS A 50 -3.66 -16.86 -11.67
C LYS A 50 -4.05 -16.00 -12.87
N LEU A 51 -4.75 -16.59 -13.83
CA LEU A 51 -5.46 -15.82 -14.89
C LEU A 51 -6.87 -15.66 -14.41
N LEU A 52 -7.24 -14.41 -14.11
CA LEU A 52 -8.54 -14.16 -13.48
C LEU A 52 -9.69 -14.45 -14.48
N SER A 53 -10.70 -15.15 -14.00
CA SER A 53 -11.92 -15.24 -14.79
C SER A 53 -12.67 -13.92 -14.89
N SER A 54 -13.70 -13.89 -15.73
CA SER A 54 -14.58 -12.75 -15.81
C SER A 54 -15.25 -12.31 -14.49
N GLU A 55 -15.75 -13.30 -13.77
CA GLU A 55 -16.29 -13.16 -12.46
C GLU A 55 -15.22 -12.58 -11.48
N ASP A 56 -14.02 -13.08 -11.57
CA ASP A 56 -12.96 -12.59 -10.66
C ASP A 56 -12.71 -11.16 -11.04
N ILE A 57 -12.66 -10.84 -12.34
CA ILE A 57 -12.33 -9.42 -12.69
C ILE A 57 -13.43 -8.47 -12.18
N GLU A 58 -14.71 -8.87 -12.25
CA GLU A 58 -15.75 -8.07 -11.70
C GLU A 58 -15.60 -7.85 -10.18
N GLY A 59 -15.15 -8.91 -9.50
CA GLY A 59 -15.00 -8.91 -8.06
C GLY A 59 -13.83 -7.97 -7.72
N MET A 60 -12.79 -8.09 -8.53
CA MET A 60 -11.67 -7.08 -8.33
C MET A 60 -12.05 -5.66 -8.67
N ARG A 61 -12.76 -5.45 -9.77
CA ARG A 61 -13.16 -4.07 -10.01
C ARG A 61 -13.93 -3.48 -8.88
N LEU A 62 -14.93 -4.23 -8.33
CA LEU A 62 -15.68 -3.75 -7.22
C LEU A 62 -14.83 -3.41 -5.96
N VAL A 63 -14.12 -4.39 -5.45
CA VAL A 63 -13.42 -4.15 -4.18
C VAL A 63 -12.39 -3.00 -4.39
N CYS A 64 -11.78 -2.90 -5.53
CA CYS A 64 -10.82 -1.82 -5.72
C CYS A 64 -11.49 -0.43 -5.78
N ARG A 65 -12.69 -0.30 -6.37
N ARG A 65 -12.68 -0.41 -6.40
CA ARG A 65 -13.38 1.00 -6.33
CA ARG A 65 -13.56 0.75 -6.43
C ARG A 65 -13.80 1.30 -4.87
C ARG A 65 -13.84 1.22 -5.03
N LEU A 66 -14.29 0.30 -4.12
CA LEU A 66 -14.62 0.60 -2.73
C LEU A 66 -13.34 0.99 -1.88
N ALA A 67 -12.22 0.38 -2.19
CA ALA A 67 -10.95 0.72 -1.53
C ALA A 67 -10.59 2.15 -1.84
N ARG A 68 -10.69 2.52 -3.12
CA ARG A 68 -10.47 3.95 -3.46
C ARG A 68 -11.38 4.92 -2.71
N GLU A 69 -12.68 4.52 -2.60
CA GLU A 69 -13.50 5.42 -1.81
C GLU A 69 -13.11 5.58 -0.39
N VAL A 70 -12.58 4.49 0.21
CA VAL A 70 -12.14 4.59 1.60
C VAL A 70 -10.82 5.38 1.71
N LEU A 71 -9.91 5.21 0.76
CA LEU A 71 -8.70 6.08 0.80
C LEU A 71 -9.15 7.53 0.73
N ASP A 72 -10.12 7.82 -0.11
CA ASP A 72 -10.55 9.24 -0.24
C ASP A 72 -11.11 9.74 1.03
N VAL A 73 -11.84 8.91 1.80
CA VAL A 73 -12.31 9.37 3.10
C VAL A 73 -11.07 9.76 3.97
N ALA A 74 -10.07 8.89 4.04
CA ALA A 74 -8.91 9.17 4.81
C ALA A 74 -8.22 10.47 4.35
N ALA A 75 -8.10 10.65 3.02
CA ALA A 75 -7.44 11.86 2.46
C ALA A 75 -8.07 13.14 2.98
N GLY A 76 -9.39 13.08 3.12
CA GLY A 76 -10.17 14.26 3.58
C GLY A 76 -9.90 14.65 4.98
N MET A 77 -9.27 13.80 5.77
CA MET A 77 -9.03 13.97 7.20
C MET A 77 -7.62 14.45 7.50
N ILE A 78 -6.74 14.49 6.50
CA ILE A 78 -5.36 14.78 6.76
C ILE A 78 -5.20 16.29 7.04
N LYS A 79 -4.98 16.62 8.29
CA LYS A 79 -4.73 18.03 8.69
C LYS A 79 -3.92 17.93 10.00
N PRO A 80 -3.17 19.01 10.37
CA PRO A 80 -2.47 19.03 11.67
C PRO A 80 -3.39 18.75 12.85
N GLY A 81 -2.90 17.90 13.74
CA GLY A 81 -3.53 17.66 15.05
C GLY A 81 -4.50 16.45 15.02
N VAL A 82 -4.75 15.91 13.83
CA VAL A 82 -5.55 14.63 13.69
C VAL A 82 -4.60 13.44 13.99
N THR A 83 -5.04 12.50 14.81
CA THR A 83 -4.16 11.34 15.15
C THR A 83 -4.34 10.33 14.06
N THR A 84 -3.27 9.54 13.92
CA THR A 84 -3.40 8.43 12.96
C THR A 84 -4.42 7.40 13.42
N GLU A 85 -4.57 7.18 14.73
CA GLU A 85 -5.72 6.35 15.17
C GLU A 85 -7.10 6.88 14.75
N GLU A 86 -7.29 8.20 14.81
CA GLU A 86 -8.55 8.76 14.37
C GLU A 86 -8.80 8.48 12.89
N ILE A 87 -7.76 8.58 12.07
CA ILE A 87 -7.88 8.19 10.64
C ILE A 87 -8.26 6.71 10.53
N ASP A 88 -7.60 5.85 11.30
CA ASP A 88 -7.91 4.41 11.20
C ASP A 88 -9.33 4.16 11.67
N HIS A 89 -9.76 4.88 12.74
CA HIS A 89 -11.21 4.66 13.11
C HIS A 89 -12.15 5.01 11.99
N ALA A 90 -11.89 6.16 11.34
CA ALA A 90 -12.77 6.50 10.22
C ALA A 90 -12.73 5.46 9.07
N VAL A 91 -11.55 4.93 8.80
CA VAL A 91 -11.36 3.94 7.75
C VAL A 91 -12.12 2.69 8.10
N HIS A 92 -12.00 2.26 9.37
CA HIS A 92 -12.66 1.04 9.81
C HIS A 92 -14.18 1.21 9.61
N LEU A 93 -14.71 2.36 10.05
CA LEU A 93 -16.22 2.53 9.85
C LEU A 93 -16.56 2.60 8.41
N ALA A 94 -15.73 3.20 7.57
CA ALA A 94 -16.04 3.34 6.15
C ALA A 94 -16.00 2.01 5.42
N CYS A 95 -15.14 1.05 5.88
N CYS A 95 -15.14 1.13 5.95
CA CYS A 95 -15.12 -0.27 5.22
CA CYS A 95 -15.01 -0.20 5.43
C CYS A 95 -16.44 -0.99 5.62
C CYS A 95 -16.36 -0.94 5.65
N ILE A 96 -16.77 -0.90 6.90
CA ILE A 96 -17.99 -1.59 7.38
C ILE A 96 -19.21 -1.02 6.70
N ALA A 97 -19.24 0.29 6.46
CA ALA A 97 -20.34 0.95 5.69
C ALA A 97 -20.52 0.41 4.29
N ARG A 98 -19.43 -0.06 3.72
CA ARG A 98 -19.34 -0.68 2.41
C ARG A 98 -19.38 -2.21 2.40
N ASN A 99 -19.77 -2.72 3.56
CA ASN A 99 -19.85 -4.15 3.82
C ASN A 99 -18.63 -4.90 3.38
N CYS A 100 -17.50 -4.26 3.74
CA CYS A 100 -16.19 -4.88 3.49
C CYS A 100 -15.44 -5.07 4.82
N TYR A 101 -14.55 -6.05 4.84
CA TYR A 101 -13.66 -6.23 5.99
C TYR A 101 -12.36 -5.46 5.64
N PRO A 102 -11.78 -4.83 6.65
CA PRO A 102 -10.40 -4.08 6.47
C PRO A 102 -9.34 -5.11 6.49
N SER A 103 -8.84 -5.44 5.29
CA SER A 103 -7.91 -6.60 5.14
C SER A 103 -6.71 -6.61 6.11
N PRO A 104 -6.12 -5.45 6.45
CA PRO A 104 -4.95 -5.51 7.36
C PRO A 104 -5.28 -6.01 8.75
N LEU A 105 -6.57 -5.99 9.16
CA LEU A 105 -6.84 -6.21 10.58
C LEU A 105 -6.64 -7.72 10.88
N ASN A 106 -5.73 -7.96 11.79
CA ASN A 106 -5.29 -9.33 12.16
C ASN A 106 -4.57 -10.07 11.11
N TYR A 107 -4.09 -9.41 10.04
CA TYR A 107 -3.30 -10.10 9.04
C TYR A 107 -1.93 -10.27 9.67
N TYR A 108 -1.59 -11.57 9.93
CA TYR A 108 -0.40 -11.84 10.77
C TYR A 108 -0.40 -10.98 12.05
N ASN A 109 -1.59 -10.83 12.64
CA ASN A 109 -1.80 -10.10 13.87
C ASN A 109 -1.50 -8.56 13.81
N PHE A 110 -1.48 -8.04 12.56
CA PHE A 110 -1.45 -6.55 12.47
C PHE A 110 -2.60 -6.00 13.24
N PRO A 111 -2.46 -4.95 14.03
CA PRO A 111 -3.46 -4.67 15.03
C PRO A 111 -4.53 -3.64 14.61
N LYS A 112 -4.39 -3.08 13.40
CA LYS A 112 -5.28 -2.01 12.98
C LYS A 112 -5.84 -2.27 11.59
N SER A 113 -6.64 -1.32 11.08
CA SER A 113 -7.40 -1.52 9.89
C SER A 113 -6.82 -0.87 8.69
N CYS A 114 -5.65 -0.17 8.86
CA CYS A 114 -4.93 0.40 7.74
C CYS A 114 -3.53 0.69 8.27
N CYS A 115 -2.63 1.08 7.36
CA CYS A 115 -1.28 1.46 7.80
C CYS A 115 -1.13 2.96 7.57
N THR A 116 -0.51 3.61 8.51
CA THR A 116 -0.30 5.08 8.46
C THR A 116 1.22 5.31 8.73
N SER A 117 1.85 5.71 7.68
CA SER A 117 3.36 5.84 7.72
C SER A 117 3.82 7.31 7.50
N VAL A 118 4.41 7.81 8.62
CA VAL A 118 4.83 9.20 8.63
C VAL A 118 6.30 9.39 8.39
N ASN A 119 6.64 10.34 7.52
CA ASN A 119 8.11 10.77 7.41
C ASN A 119 9.10 9.63 7.21
N GLU A 120 10.02 9.28 8.16
CA GLU A 120 10.96 8.15 7.99
C GLU A 120 10.41 6.80 7.96
N VAL A 121 9.06 6.65 8.26
CA VAL A 121 8.51 5.35 8.13
C VAL A 121 8.29 5.04 6.66
N ILE A 122 8.78 3.91 6.24
CA ILE A 122 8.76 3.41 4.85
C ILE A 122 7.35 2.79 4.56
N CYS A 123 6.91 2.03 5.51
CA CYS A 123 5.54 1.36 5.35
C CYS A 123 5.26 0.65 6.66
N HIS A 124 4.00 0.16 6.71
CA HIS A 124 3.47 -0.62 7.79
C HIS A 124 3.33 0.07 9.13
N GLY A 125 3.36 1.41 9.10
CA GLY A 125 3.15 2.13 10.36
C GLY A 125 1.81 1.84 10.96
N ILE A 126 1.84 1.80 12.28
CA ILE A 126 0.63 1.38 13.08
C ILE A 126 -0.03 2.63 13.59
N PRO A 127 -1.32 2.87 13.19
CA PRO A 127 -2.05 4.08 13.65
C PRO A 127 -2.01 4.09 15.19
N ASP A 128 -1.75 5.32 15.70
CA ASP A 128 -1.53 5.42 17.16
C ASP A 128 -1.97 6.81 17.60
N ARG A 129 -1.52 7.23 18.81
CA ARG A 129 -2.02 8.50 19.32
C ARG A 129 -1.31 9.75 18.86
N ARG A 130 -0.38 9.65 17.95
CA ARG A 130 0.41 10.81 17.55
C ARG A 130 -0.43 11.72 16.65
N PRO A 131 -0.62 13.01 17.08
CA PRO A 131 -1.22 13.97 16.15
C PRO A 131 -0.28 14.32 15.03
N LEU A 132 -0.81 14.37 13.83
CA LEU A 132 -0.06 14.83 12.67
C LEU A 132 0.45 16.24 12.87
N GLN A 133 1.68 16.48 12.43
CA GLN A 133 2.31 17.80 12.57
C GLN A 133 2.38 18.49 11.23
N GLU A 134 2.16 19.80 11.23
CA GLU A 134 2.42 20.58 10.01
C GLU A 134 3.82 20.33 9.50
N GLY A 135 3.95 20.08 8.19
CA GLY A 135 5.22 19.68 7.62
C GLY A 135 5.47 18.17 7.38
N ASP A 136 4.65 17.33 8.05
CA ASP A 136 4.76 15.87 7.88
C ASP A 136 4.34 15.52 6.47
N ILE A 137 4.89 14.36 6.07
CA ILE A 137 4.28 13.61 4.95
C ILE A 137 3.76 12.31 5.58
N VAL A 138 2.53 11.94 5.13
CA VAL A 138 1.91 10.72 5.70
C VAL A 138 1.29 9.93 4.58
N ASN A 139 1.59 8.65 4.63
CA ASN A 139 1.00 7.71 3.71
C ASN A 139 -0.10 6.96 4.42
N VAL A 140 -1.29 6.80 3.78
CA VAL A 140 -2.38 5.94 4.32
C VAL A 140 -2.55 4.84 3.27
N ASP A 141 -2.44 3.62 3.86
CA ASP A 141 -2.53 2.43 3.02
C ASP A 141 -3.78 1.61 3.35
N ILE A 142 -4.65 1.52 2.38
CA ILE A 142 -5.99 0.89 2.51
C ILE A 142 -6.01 -0.44 1.78
N THR A 143 -6.56 -1.46 2.42
CA THR A 143 -6.85 -2.71 1.67
C THR A 143 -8.24 -3.17 2.21
N LEU A 144 -9.15 -3.47 1.29
CA LEU A 144 -10.53 -3.99 1.64
C LEU A 144 -10.66 -5.40 1.08
N TYR A 145 -11.56 -6.13 1.75
CA TYR A 145 -11.94 -7.48 1.32
C TYR A 145 -13.45 -7.52 1.15
N ARG A 146 -13.88 -7.88 -0.06
CA ARG A 146 -15.34 -7.92 -0.39
C ARG A 146 -15.56 -9.14 -1.25
N ASN A 147 -16.63 -9.90 -0.87
CA ASN A 147 -17.02 -11.09 -1.69
C ASN A 147 -15.83 -12.01 -2.06
N GLY A 148 -14.79 -12.10 -1.18
CA GLY A 148 -13.68 -13.00 -1.43
C GLY A 148 -12.41 -12.35 -2.10
N TYR A 149 -12.53 -11.04 -2.43
CA TYR A 149 -11.42 -10.41 -3.16
C TYR A 149 -10.91 -9.22 -2.36
N HIS A 150 -9.57 -9.06 -2.49
CA HIS A 150 -8.91 -7.91 -1.81
C HIS A 150 -8.53 -6.82 -2.85
N GLY A 151 -8.60 -5.55 -2.42
CA GLY A 151 -8.18 -4.44 -3.27
C GLY A 151 -7.30 -3.49 -2.42
N ASP A 152 -6.16 -3.10 -3.01
CA ASP A 152 -5.06 -2.50 -2.20
C ASP A 152 -4.49 -1.24 -2.88
N LEU A 153 -4.47 -0.14 -2.10
CA LEU A 153 -3.90 1.07 -2.69
C LEU A 153 -3.39 1.96 -1.55
N ASN A 154 -2.51 2.93 -1.93
CA ASN A 154 -2.00 3.90 -0.95
C ASN A 154 -1.67 5.19 -1.71
N GLU A 155 -1.66 6.21 -0.89
CA GLU A 155 -1.14 7.50 -1.36
C GLU A 155 -0.39 8.17 -0.19
N THR A 156 0.62 9.02 -0.56
CA THR A 156 1.22 9.94 0.43
C THR A 156 0.61 11.33 0.29
N PHE A 157 0.43 11.93 1.46
CA PHE A 157 -0.27 13.22 1.58
C PHE A 157 0.63 14.16 2.34
N PHE A 158 0.31 15.47 2.17
CA PHE A 158 1.06 16.54 2.85
C PHE A 158 0.19 17.01 3.97
N VAL A 159 0.86 17.26 5.10
CA VAL A 159 0.13 17.76 6.29
C VAL A 159 0.44 19.28 6.37
N GLY A 160 -0.58 20.01 5.98
CA GLY A 160 -0.47 21.47 5.78
C GLY A 160 0.64 21.77 4.78
N GLU A 161 1.44 22.80 5.08
CA GLU A 161 2.55 23.23 4.20
C GLU A 161 3.79 22.39 4.42
N VAL A 162 4.39 21.90 3.36
CA VAL A 162 5.59 21.07 3.49
C VAL A 162 6.78 21.74 2.82
N ASP A 163 7.98 21.27 3.11
CA ASP A 163 9.19 21.85 2.48
C ASP A 163 9.43 21.34 1.07
N ASP A 164 10.37 21.98 0.36
CA ASP A 164 10.61 21.59 -1.02
C ASP A 164 11.07 20.15 -1.20
N GLY A 165 11.91 19.69 -0.27
CA GLY A 165 12.35 18.29 -0.31
C GLY A 165 11.18 17.30 -0.25
N ALA A 166 10.25 17.57 0.62
CA ALA A 166 9.00 16.75 0.72
C ALA A 166 8.26 16.79 -0.59
N ARG A 167 8.05 17.95 -1.16
CA ARG A 167 7.35 18.04 -2.44
C ARG A 167 8.04 17.22 -3.56
N LYS A 168 9.34 17.33 -3.70
CA LYS A 168 10.06 16.60 -4.71
C LYS A 168 10.04 15.09 -4.43
N LEU A 169 10.16 14.69 -3.17
CA LEU A 169 10.23 13.24 -2.92
C LEU A 169 8.83 12.66 -3.30
N VAL A 170 7.79 13.29 -2.84
CA VAL A 170 6.39 12.76 -3.09
C VAL A 170 6.12 12.76 -4.61
N GLN A 171 6.39 13.88 -5.31
CA GLN A 171 6.19 13.93 -6.71
C GLN A 171 6.99 12.86 -7.44
N THR A 172 8.30 12.71 -7.12
CA THR A 172 9.07 11.67 -7.80
C THR A 172 8.56 10.27 -7.60
N THR A 173 8.11 10.00 -6.38
CA THR A 173 7.54 8.68 -6.01
C THR A 173 6.29 8.41 -6.85
N TYR A 174 5.44 9.40 -7.01
CA TYR A 174 4.23 9.21 -7.76
C TYR A 174 4.61 8.96 -9.23
N GLU A 175 5.60 9.69 -9.74
CA GLU A 175 6.02 9.51 -11.12
C GLU A 175 6.64 8.13 -11.32
N CYS A 176 7.39 7.62 -10.35
CA CYS A 176 7.96 6.28 -10.43
C CYS A 176 6.86 5.28 -10.62
N LEU A 177 5.82 5.38 -9.78
CA LEU A 177 4.68 4.46 -9.91
C LEU A 177 4.08 4.60 -11.28
N MET A 178 3.83 5.78 -11.77
CA MET A 178 3.07 5.91 -13.00
C MET A 178 3.92 5.48 -14.19
N GLN A 179 5.23 5.73 -14.18
CA GLN A 179 5.99 5.27 -15.30
C GLN A 179 6.02 3.75 -15.30
N ALA A 180 6.03 3.12 -14.12
CA ALA A 180 5.97 1.61 -14.12
C ALA A 180 4.59 1.13 -14.67
N ILE A 181 3.48 1.75 -14.28
CA ILE A 181 2.16 1.39 -14.78
C ILE A 181 2.15 1.57 -16.31
N ASP A 182 2.75 2.63 -16.81
CA ASP A 182 2.74 2.97 -18.27
C ASP A 182 3.42 1.82 -19.05
N ALA A 183 4.32 1.08 -18.40
CA ALA A 183 5.00 -0.06 -19.07
C ALA A 183 4.27 -1.36 -19.03
N VAL A 184 3.19 -1.47 -18.23
CA VAL A 184 2.45 -2.72 -18.08
C VAL A 184 1.64 -3.04 -19.32
N LYS A 185 1.90 -4.24 -19.84
CA LYS A 185 1.07 -4.78 -20.97
C LYS A 185 1.51 -6.23 -21.09
N PRO A 186 0.67 -7.03 -21.83
CA PRO A 186 1.05 -8.43 -22.00
C PRO A 186 2.41 -8.61 -22.69
N GLY A 187 3.19 -9.52 -22.12
CA GLY A 187 4.53 -9.89 -22.63
C GLY A 187 5.70 -9.21 -22.04
N VAL A 188 5.41 -8.18 -21.16
CA VAL A 188 6.47 -7.60 -20.38
C VAL A 188 6.87 -8.39 -19.13
N ARG A 189 8.17 -8.45 -18.86
CA ARG A 189 8.62 -9.24 -17.71
C ARG A 189 8.33 -8.46 -16.39
N TYR A 190 7.85 -9.16 -15.38
CA TYR A 190 7.71 -8.46 -14.03
C TYR A 190 9.00 -7.79 -13.56
N ARG A 191 10.13 -8.38 -13.85
CA ARG A 191 11.43 -7.85 -13.43
C ARG A 191 11.79 -6.51 -14.06
N GLU A 192 11.14 -6.13 -15.17
CA GLU A 192 11.42 -4.91 -15.84
C GLU A 192 10.97 -3.67 -15.04
N LEU A 193 9.86 -3.80 -14.25
CA LEU A 193 9.32 -2.58 -13.60
C LEU A 193 10.33 -1.93 -12.66
N GLY A 194 11.08 -2.73 -11.92
CA GLY A 194 12.13 -2.21 -11.03
C GLY A 194 13.22 -1.45 -11.74
N ASN A 195 13.47 -1.84 -12.99
CA ASN A 195 14.44 -1.00 -13.71
C ASN A 195 13.92 0.40 -13.97
N ILE A 196 12.63 0.51 -14.33
CA ILE A 196 12.06 1.76 -14.61
C ILE A 196 12.03 2.64 -13.36
N ILE A 197 11.56 2.02 -12.29
CA ILE A 197 11.37 2.78 -11.05
C ILE A 197 12.75 3.33 -10.56
N GLN A 198 13.76 2.46 -10.47
CA GLN A 198 15.06 2.89 -10.00
C GLN A 198 15.66 3.89 -10.92
N LYS A 199 15.46 3.72 -12.25
CA LYS A 199 16.05 4.74 -13.13
C LYS A 199 15.57 6.15 -12.81
N HIS A 200 14.25 6.29 -12.59
CA HIS A 200 13.69 7.61 -12.33
C HIS A 200 14.02 8.08 -10.89
N ALA A 201 14.01 7.20 -9.91
CA ALA A 201 14.34 7.64 -8.56
C ALA A 201 15.82 8.21 -8.53
N GLN A 202 16.70 7.45 -9.18
CA GLN A 202 18.15 7.79 -9.17
C GLN A 202 18.41 9.09 -9.91
N ALA A 203 17.65 9.36 -10.98
CA ALA A 203 17.73 10.65 -11.66
C ALA A 203 17.40 11.83 -10.79
N ASN A 204 16.63 11.63 -9.71
CA ASN A 204 16.25 12.63 -8.80
C ASN A 204 16.97 12.54 -7.48
N GLY A 205 18.01 11.72 -7.44
CA GLY A 205 18.85 11.67 -6.21
C GLY A 205 18.25 10.87 -5.03
N PHE A 206 17.29 10.02 -5.38
CA PHE A 206 16.64 9.17 -4.35
C PHE A 206 16.95 7.72 -4.54
N SER A 207 16.70 6.89 -3.49
CA SER A 207 16.94 5.51 -3.51
C SER A 207 15.63 4.70 -3.39
N VAL A 208 15.74 3.42 -3.73
CA VAL A 208 14.57 2.49 -3.81
C VAL A 208 14.67 1.39 -2.77
N VAL A 209 13.69 1.31 -1.85
CA VAL A 209 13.62 0.25 -0.87
C VAL A 209 13.61 -1.11 -1.52
N ARG A 210 14.41 -2.01 -0.94
CA ARG A 210 14.57 -3.37 -1.50
C ARG A 210 13.79 -4.45 -0.76
N SER A 211 13.37 -4.17 0.49
CA SER A 211 12.92 -5.25 1.31
C SER A 211 11.46 -5.59 1.15
N TYR A 212 10.73 -4.69 0.48
CA TYR A 212 9.26 -4.84 0.37
C TYR A 212 8.95 -4.69 -1.11
N CYS A 213 7.95 -5.50 -1.55
N CYS A 213 8.11 -5.61 -1.66
CA CYS A 213 7.66 -5.65 -2.99
CA CYS A 213 7.74 -5.55 -3.12
C CYS A 213 6.16 -5.54 -3.32
C CYS A 213 6.24 -5.47 -3.33
N GLY A 214 5.83 -5.20 -4.58
CA GLY A 214 4.44 -5.36 -5.04
C GLY A 214 4.17 -6.80 -5.24
N HIS A 215 2.90 -7.14 -5.41
CA HIS A 215 2.48 -8.53 -5.30
C HIS A 215 1.20 -8.75 -6.04
N GLY A 216 1.07 -10.00 -6.51
CA GLY A 216 -0.30 -10.41 -6.89
C GLY A 216 -1.30 -10.24 -5.76
N ILE A 217 -2.56 -10.10 -6.15
CA ILE A 217 -3.63 -9.90 -5.16
C ILE A 217 -4.90 -10.25 -5.90
N HIS A 218 -5.75 -10.97 -5.16
CA HIS A 218 -7.11 -11.27 -5.66
C HIS A 218 -7.80 -11.95 -4.57
N LYS A 219 -7.97 -13.30 -4.65
CA LYS A 219 -8.56 -14.01 -3.51
C LYS A 219 -7.61 -14.16 -2.31
N LEU A 220 -6.32 -13.93 -2.56
CA LEU A 220 -5.30 -13.86 -1.54
C LEU A 220 -4.79 -12.41 -1.47
N PHE A 221 -4.48 -11.99 -0.26
CA PHE A 221 -3.97 -10.59 -0.14
C PHE A 221 -2.55 -10.51 -0.79
N HIS A 222 -1.64 -11.49 -0.52
CA HIS A 222 -0.31 -11.42 -1.16
C HIS A 222 -0.10 -12.80 -1.84
N THR A 223 0.15 -12.74 -3.12
CA THR A 223 0.48 -14.02 -3.84
C THR A 223 1.30 -13.74 -5.06
N ALA A 224 1.63 -14.70 -5.94
CA ALA A 224 2.47 -14.39 -7.08
C ALA A 224 1.77 -13.47 -8.03
N PRO A 225 2.51 -12.66 -8.74
CA PRO A 225 3.94 -12.54 -8.72
C PRO A 225 4.52 -11.66 -7.65
N ASN A 226 5.76 -11.89 -7.29
CA ASN A 226 6.51 -10.88 -6.58
C ASN A 226 6.93 -9.79 -7.54
N VAL A 227 6.75 -8.52 -7.18
CA VAL A 227 7.11 -7.45 -8.06
C VAL A 227 8.09 -6.47 -7.37
N PRO A 228 9.41 -6.69 -7.43
CA PRO A 228 10.38 -5.79 -6.83
C PRO A 228 10.41 -4.46 -7.50
N HIS A 229 10.80 -3.43 -6.74
CA HIS A 229 10.83 -2.13 -7.31
C HIS A 229 12.23 -1.58 -7.70
N TYR A 230 13.25 -2.37 -7.46
CA TYR A 230 14.63 -1.94 -7.74
C TYR A 230 15.15 -2.61 -9.01
N ALA A 231 16.26 -2.07 -9.50
CA ALA A 231 16.78 -2.57 -10.80
C ALA A 231 17.54 -3.85 -10.65
N LYS A 232 17.54 -4.61 -11.75
CA LYS A 232 18.34 -5.85 -11.91
C LYS A 232 17.91 -6.87 -10.92
N ASN A 233 16.64 -6.82 -10.52
CA ASN A 233 16.07 -7.87 -9.71
C ASN A 233 15.81 -9.14 -10.54
N LYS A 234 15.60 -10.26 -9.88
CA LYS A 234 15.45 -11.52 -10.63
C LYS A 234 14.04 -12.06 -10.55
N ALA A 235 13.04 -11.17 -10.44
CA ALA A 235 11.67 -11.67 -10.33
C ALA A 235 11.28 -12.57 -11.54
N VAL A 236 10.43 -13.54 -11.28
CA VAL A 236 10.06 -14.53 -12.27
C VAL A 236 8.72 -14.11 -12.84
N GLY A 237 8.52 -14.30 -14.13
CA GLY A 237 7.16 -14.20 -14.66
C GLY A 237 7.01 -13.18 -15.75
N VAL A 238 5.97 -13.37 -16.56
CA VAL A 238 5.67 -12.47 -17.65
C VAL A 238 4.22 -12.08 -17.65
N MET A 239 3.94 -10.77 -17.76
CA MET A 239 2.56 -10.28 -17.75
C MET A 239 1.72 -10.84 -18.86
N LYS A 240 0.50 -11.21 -18.51
CA LYS A 240 -0.52 -11.64 -19.48
C LYS A 240 -1.83 -10.98 -19.16
N SER A 241 -2.68 -10.73 -20.15
CA SER A 241 -4.07 -10.26 -19.84
C SER A 241 -4.72 -11.18 -18.86
N GLY A 242 -5.28 -10.56 -17.84
CA GLY A 242 -5.93 -11.31 -16.77
C GLY A 242 -5.17 -11.34 -15.46
N HIS A 243 -3.87 -10.95 -15.49
CA HIS A 243 -3.08 -10.95 -14.27
C HIS A 243 -3.47 -9.66 -13.46
N VAL A 244 -3.50 -9.84 -12.16
CA VAL A 244 -3.78 -8.63 -11.30
C VAL A 244 -2.68 -8.59 -10.26
N PHE A 245 -2.13 -7.39 -10.02
CA PHE A 245 -1.05 -7.32 -9.06
C PHE A 245 -0.92 -5.84 -8.65
N THR A 246 -0.08 -5.61 -7.61
CA THR A 246 0.15 -4.17 -7.26
C THR A 246 1.59 -3.74 -7.66
N ILE A 247 1.70 -2.43 -7.79
CA ILE A 247 3.04 -1.76 -7.86
C ILE A 247 2.97 -0.76 -6.73
N GLU A 248 4.02 -0.74 -5.88
CA GLU A 248 3.93 0.09 -4.64
C GLU A 248 5.27 0.62 -4.19
N PRO A 249 5.96 1.35 -5.05
CA PRO A 249 7.36 1.73 -4.77
C PRO A 249 7.46 2.63 -3.53
N MET A 250 8.51 2.34 -2.73
CA MET A 250 8.93 3.15 -1.61
C MET A 250 10.30 3.76 -1.97
N ILE A 251 10.31 5.08 -2.01
CA ILE A 251 11.49 5.83 -2.47
C ILE A 251 11.95 6.64 -1.28
N CYS A 252 13.30 6.82 -1.15
CA CYS A 252 13.81 7.45 0.08
C CYS A 252 14.76 8.59 -0.27
N GLU A 253 14.78 9.61 0.57
CA GLU A 253 15.69 10.78 0.46
C GLU A 253 17.13 10.38 0.59
N GLY A 254 17.43 9.42 1.48
CA GLY A 254 18.83 8.97 1.79
C GLY A 254 19.05 7.63 1.14
N GLY A 255 19.64 6.66 1.89
CA GLY A 255 19.92 5.36 1.47
C GLY A 255 18.68 4.46 1.49
N TRP A 256 18.72 3.34 0.83
CA TRP A 256 17.58 2.45 0.68
C TRP A 256 17.35 1.56 1.96
N GLN A 257 18.34 1.45 2.85
CA GLN A 257 18.29 0.43 3.90
C GLN A 257 17.16 0.70 4.89
N ASP A 258 16.51 -0.37 5.21
CA ASP A 258 15.37 -0.30 6.18
C ASP A 258 15.68 -1.07 7.44
N GLU A 259 14.99 -0.75 8.53
CA GLU A 259 14.95 -1.61 9.71
C GLU A 259 13.54 -1.60 10.31
N THR A 260 13.29 -2.47 11.25
CA THR A 260 11.95 -2.49 11.79
C THR A 260 11.99 -2.14 13.25
N TRP A 261 10.98 -1.42 13.71
CA TRP A 261 10.79 -1.08 15.12
C TRP A 261 10.44 -2.32 15.98
N PRO A 262 10.63 -2.21 17.30
CA PRO A 262 10.39 -3.29 18.24
C PRO A 262 8.95 -3.79 18.17
N ASP A 263 8.05 -2.98 17.57
CA ASP A 263 6.69 -3.46 17.41
C ASP A 263 6.54 -4.49 16.34
N GLY A 264 7.63 -4.76 15.63
CA GLY A 264 7.69 -5.85 14.64
C GLY A 264 6.98 -5.60 13.26
N TRP A 265 6.50 -4.38 13.11
CA TRP A 265 5.83 -3.89 11.93
C TRP A 265 6.42 -2.66 11.28
N THR A 266 6.62 -1.59 12.05
CA THR A 266 6.97 -0.32 11.47
C THR A 266 8.33 -0.33 10.84
N ALA A 267 8.36 -0.14 9.55
CA ALA A 267 9.63 -0.17 8.82
C ALA A 267 10.03 1.23 8.64
N VAL A 268 11.36 1.52 8.92
CA VAL A 268 11.86 2.88 8.86
C VAL A 268 13.22 2.91 8.14
N THR A 269 13.52 4.07 7.61
CA THR A 269 14.89 4.32 7.03
C THR A 269 15.89 4.19 8.16
N ARG A 270 16.95 3.45 7.83
CA ARG A 270 18.07 3.30 8.81
C ARG A 270 18.77 4.65 9.05
N ASP A 271 18.74 5.54 8.07
CA ASP A 271 19.32 6.88 8.27
C ASP A 271 18.39 7.96 8.78
N GLY A 272 17.07 7.61 8.97
CA GLY A 272 16.17 8.59 9.45
C GLY A 272 15.63 9.60 8.49
N LYS A 273 15.98 9.44 7.19
CA LYS A 273 15.56 10.42 6.21
C LYS A 273 14.13 10.00 5.73
N ARG A 274 13.47 10.83 5.01
CA ARG A 274 12.00 10.55 4.71
C ARG A 274 11.96 9.58 3.54
N SER A 275 10.82 8.91 3.53
CA SER A 275 10.49 7.94 2.47
C SER A 275 9.01 8.10 2.09
N ALA A 276 8.69 8.04 0.79
CA ALA A 276 7.28 8.14 0.36
C ALA A 276 6.97 6.95 -0.51
N GLN A 277 5.61 6.73 -0.65
CA GLN A 277 5.14 5.54 -1.39
C GLN A 277 3.76 5.87 -2.08
N PHE A 278 3.55 5.24 -3.21
CA PHE A 278 2.19 5.18 -3.79
C PHE A 278 1.97 3.73 -4.25
N GLU A 279 0.67 3.34 -4.31
CA GLU A 279 0.30 1.98 -4.73
C GLU A 279 -0.99 1.98 -5.49
N HIS A 280 -1.00 1.19 -6.57
CA HIS A 280 -2.25 0.89 -7.23
C HIS A 280 -2.29 -0.65 -7.43
N THR A 281 -3.54 -1.15 -7.53
CA THR A 281 -3.84 -2.56 -7.98
C THR A 281 -4.21 -2.45 -9.47
N LEU A 282 -3.51 -3.26 -10.30
CA LEU A 282 -3.55 -3.17 -11.79
C LEU A 282 -4.09 -4.52 -12.28
N LEU A 283 -4.91 -4.40 -13.32
CA LEU A 283 -5.23 -5.56 -14.16
C LEU A 283 -4.66 -5.42 -15.52
N VAL A 284 -3.95 -6.43 -15.97
CA VAL A 284 -3.36 -6.40 -17.35
C VAL A 284 -4.47 -6.70 -18.36
N THR A 285 -4.56 -5.84 -19.39
CA THR A 285 -5.55 -5.98 -20.44
C THR A 285 -4.79 -6.06 -21.77
N ASP A 286 -5.52 -6.30 -22.84
CA ASP A 286 -4.80 -6.37 -24.15
C ASP A 286 -4.09 -5.06 -24.53
N THR A 287 -4.68 -3.92 -24.13
CA THR A 287 -4.12 -2.61 -24.46
C THR A 287 -3.05 -2.04 -23.48
N GLY A 288 -2.88 -2.71 -22.34
CA GLY A 288 -1.93 -2.24 -21.42
C GLY A 288 -2.50 -2.77 -20.11
N CYS A 289 -3.11 -1.84 -19.39
CA CYS A 289 -3.65 -2.21 -18.09
C CYS A 289 -4.76 -1.28 -17.64
N GLU A 290 -5.57 -1.77 -16.73
CA GLU A 290 -6.63 -0.99 -16.13
C GLU A 290 -6.17 -0.78 -14.66
N ILE A 291 -6.26 0.51 -14.25
CA ILE A 291 -5.85 0.87 -12.89
C ILE A 291 -7.14 0.72 -12.07
N LEU A 292 -7.20 -0.40 -11.35
CA LEU A 292 -8.49 -0.78 -10.69
C LEU A 292 -8.81 0.23 -9.53
N THR A 293 -7.71 0.77 -8.93
CA THR A 293 -7.82 1.63 -7.76
C THR A 293 -7.67 3.10 -8.13
N ARG A 294 -7.78 3.43 -9.45
CA ARG A 294 -7.75 4.87 -9.85
C ARG A 294 -8.86 5.69 -9.23
N ARG A 295 -8.67 7.01 -9.18
CA ARG A 295 -9.79 7.96 -9.02
C ARG A 295 -10.69 8.00 -10.22
N LEU A 296 -12.01 8.00 -10.00
CA LEU A 296 -12.94 8.10 -11.15
C LEU A 296 -13.40 9.54 -11.38
N ASP A 297 -13.21 10.39 -10.40
CA ASP A 297 -13.79 11.77 -10.41
C ASP A 297 -12.81 12.89 -10.29
N SER A 298 -11.52 12.62 -10.44
CA SER A 298 -10.57 13.67 -10.30
C SER A 298 -9.30 13.20 -10.93
N ALA A 299 -8.65 14.11 -11.62
CA ALA A 299 -7.53 13.86 -12.48
C ALA A 299 -6.22 13.51 -11.79
N ARG A 300 -6.02 13.96 -10.56
CA ARG A 300 -4.74 13.87 -9.95
C ARG A 300 -4.81 13.23 -8.57
N PRO A 301 -3.70 12.78 -8.02
CA PRO A 301 -3.69 12.27 -6.66
C PRO A 301 -3.91 13.40 -5.71
N HIS A 302 -4.20 13.05 -4.48
CA HIS A 302 -4.62 14.10 -3.49
C HIS A 302 -3.56 15.09 -3.27
N PHE A 303 -2.27 14.72 -3.24
CA PHE A 303 -1.22 15.69 -2.91
C PHE A 303 -1.13 16.85 -3.92
N MET A 304 -1.68 16.63 -5.10
N MET A 304 -1.75 16.67 -5.07
CA MET A 304 -1.63 17.64 -6.18
CA MET A 304 -1.67 17.70 -6.11
C MET A 304 -2.96 18.46 -6.19
C MET A 304 -2.70 18.78 -5.89
N SER A 305 -3.67 18.55 -5.03
CA SER A 305 -4.74 19.58 -4.82
C SER A 305 -4.39 20.76 -3.88
#